data_8UEC
#
_entry.id   8UEC
#
_cell.length_a   67.213
_cell.length_b   120.568
_cell.length_c   128.613
_cell.angle_alpha   90.00
_cell.angle_beta   90.00
_cell.angle_gamma   90.00
#
_symmetry.space_group_name_H-M   'P 21 21 21'
#
loop_
_entity.id
_entity.type
_entity.pdbx_description
1 polymer 'Potassium channel subfamily K member 2'
2 non-polymer N-((E,2S,3R)-1,3-DIHYDROXYOCTADEC-4-EN-2-YL)PALMITAMIDE
3 non-polymer DECANE
4 non-polymer N-[(2,4-dichlorophenyl)methyl]-4-[(3R)-3-methyl-2,5-dioxopyrrolidin-1-yl]benzamide
5 non-polymer 'POTASSIUM ION'
6 non-polymer HEXADECANE
7 non-polymer 'CADMIUM ION'
#
_entity_poly.entity_id   1
_entity_poly.type   'polypeptide(L)'
_entity_poly.pdbx_seq_one_letter_code
;SDSAINVMKWKTVSTIFLVVVLYLIIGATVFKALEQPQEISQRTTIVIQREKFLRAHPCVSDQELDELIQQIVAAINAGI
IPLGASSNQVSHWDLGCSFFFAGTVITTIGFGNISPRTEGGKIFCIIYALLGIPLFGFLLAGVGDQLGTIFGKGIAKVED
TFIKWNVSQTKIRIISTIIFILFGCVLFVALPAVIFKHIEGWSALDAIYFVVITLTTIGFGDYVAGGSDIEYLDFYKPVV
WFWILVGLAYFAAVLSMIGDWLRVIAKKTKEAVGEFRAHAAEWTANV
;
_entity_poly.pdbx_strand_id   A,B
#
# COMPACT_ATOMS: atom_id res chain seq x y z
N SER A 3 13.08 -24.36 -23.84
CA SER A 3 14.15 -24.30 -22.86
C SER A 3 15.00 -23.03 -23.07
N ALA A 4 15.38 -22.74 -24.32
CA ALA A 4 16.28 -21.62 -24.52
C ALA A 4 15.57 -20.29 -24.35
N ILE A 5 14.28 -20.23 -24.65
CA ILE A 5 13.56 -18.99 -24.43
C ILE A 5 13.44 -18.73 -22.94
N ASN A 6 13.38 -19.81 -22.14
CA ASN A 6 13.36 -19.65 -20.70
C ASN A 6 14.72 -19.23 -20.16
N VAL A 7 15.81 -19.59 -20.86
CA VAL A 7 17.13 -19.09 -20.48
C VAL A 7 17.24 -17.61 -20.77
N MET A 8 16.72 -17.17 -21.92
CA MET A 8 16.71 -15.75 -22.21
C MET A 8 15.87 -14.99 -21.18
N LYS A 9 14.76 -15.61 -20.75
CA LYS A 9 13.93 -15.01 -19.72
C LYS A 9 14.67 -14.94 -18.39
N TRP A 10 15.41 -15.98 -18.05
CA TRP A 10 16.14 -15.96 -16.78
C TRP A 10 17.20 -14.87 -16.78
N LYS A 11 17.85 -14.64 -17.93
CA LYS A 11 18.83 -13.57 -17.95
C LYS A 11 18.17 -12.20 -17.82
N THR A 12 17.02 -12.02 -18.47
CA THR A 12 16.30 -10.75 -18.36
C THR A 12 15.87 -10.51 -16.91
N VAL A 13 15.17 -11.48 -16.32
CA VAL A 13 14.67 -11.34 -14.96
C VAL A 13 15.83 -11.16 -13.99
N SER A 14 16.94 -11.88 -14.21
CA SER A 14 18.09 -11.75 -13.34
C SER A 14 18.62 -10.32 -13.34
N THR A 15 18.80 -9.74 -14.53
CA THR A 15 19.30 -8.37 -14.59
C THR A 15 18.32 -7.40 -13.94
N ILE A 16 17.02 -7.56 -14.20
CA ILE A 16 16.02 -6.68 -13.56
C ILE A 16 16.07 -6.82 -12.04
N PHE A 17 16.15 -8.06 -11.55
CA PHE A 17 16.23 -8.32 -10.12
C PHE A 17 17.45 -7.65 -9.50
N LEU A 18 18.61 -7.81 -10.13
CA LEU A 18 19.83 -7.19 -9.60
C LEU A 18 19.75 -5.68 -9.66
N VAL A 19 19.11 -5.13 -10.70
CA VAL A 19 18.87 -3.69 -10.75
C VAL A 19 18.04 -3.26 -9.54
N VAL A 20 16.98 -4.03 -9.23
CA VAL A 20 16.11 -3.68 -8.11
C VAL A 20 16.87 -3.78 -6.79
N VAL A 21 17.73 -4.80 -6.65
CA VAL A 21 18.54 -4.93 -5.45
C VAL A 21 19.47 -3.73 -5.29
N LEU A 22 20.15 -3.35 -6.38
CA LEU A 22 21.02 -2.18 -6.35
C LEU A 22 20.24 -0.92 -6.01
N TYR A 23 19.02 -0.81 -6.55
CA TYR A 23 18.16 0.32 -6.26
C TYR A 23 17.83 0.39 -4.78
N LEU A 24 17.55 -0.78 -4.17
CA LEU A 24 17.29 -0.81 -2.74
C LEU A 24 18.53 -0.45 -1.94
N ILE A 25 19.70 -0.87 -2.41
CA ILE A 25 20.95 -0.56 -1.70
C ILE A 25 21.19 0.94 -1.69
N ILE A 26 21.06 1.57 -2.86
CA ILE A 26 21.22 3.02 -2.97
C ILE A 26 20.20 3.72 -2.08
N GLY A 27 18.93 3.34 -2.20
CA GLY A 27 17.89 3.98 -1.41
C GLY A 27 18.12 3.81 0.08
N ALA A 28 18.58 2.64 0.51
CA ALA A 28 18.82 2.40 1.93
C ALA A 28 19.93 3.32 2.43
N THR A 29 21.05 3.39 1.71
CA THR A 29 22.14 4.19 2.23
C THR A 29 21.76 5.67 2.24
N VAL A 30 20.95 6.09 1.27
CA VAL A 30 20.55 7.50 1.20
C VAL A 30 19.58 7.84 2.34
N PHE A 31 18.60 6.97 2.55
CA PHE A 31 17.66 7.16 3.65
C PHE A 31 18.38 7.19 5.00
N LYS A 32 19.37 6.31 5.19
CA LYS A 32 20.12 6.42 6.44
C LYS A 32 20.81 7.77 6.54
N ALA A 33 21.41 8.21 5.43
CA ALA A 33 22.16 9.46 5.44
C ALA A 33 21.28 10.65 5.77
N LEU A 34 19.99 10.57 5.44
CA LEU A 34 19.14 11.70 5.80
C LEU A 34 18.49 11.54 7.17
N GLU A 35 18.02 10.33 7.51
CA GLU A 35 17.18 10.18 8.70
C GLU A 35 17.96 10.02 10.00
N GLN A 36 19.14 9.38 10.00
CA GLN A 36 19.83 9.18 11.26
C GLN A 36 20.19 10.48 11.98
N PRO A 37 20.78 11.51 11.32
CA PRO A 37 21.16 12.73 12.03
C PRO A 37 20.00 13.38 12.76
N GLN A 38 18.94 13.72 12.02
CA GLN A 38 17.78 14.30 12.67
C GLN A 38 17.08 13.30 13.59
N GLU A 39 17.37 12.01 13.46
CA GLU A 39 16.84 11.05 14.40
C GLU A 39 17.48 11.25 15.76
N ILE A 40 18.74 11.69 15.81
CA ILE A 40 19.27 11.99 17.14
C ILE A 40 18.69 13.30 17.69
N SER A 41 18.43 14.26 16.79
CA SER A 41 17.79 15.51 17.20
C SER A 41 16.44 15.26 17.86
N GLN A 42 15.69 14.28 17.37
CA GLN A 42 14.46 13.90 18.04
C GLN A 42 14.68 12.86 19.15
N ARG A 43 15.82 12.18 19.15
CA ARG A 43 16.12 11.17 20.17
C ARG A 43 16.43 11.80 21.52
N THR A 44 17.01 12.98 21.52
CA THR A 44 17.33 13.59 22.82
C THR A 44 16.20 14.43 23.38
N THR A 45 15.24 14.86 22.54
CA THR A 45 14.17 15.73 23.00
C THR A 45 13.19 15.03 23.92
N ILE A 46 13.15 13.70 23.94
CA ILE A 46 12.20 13.00 24.81
C ILE A 46 12.90 12.53 26.08
N VAL A 47 14.17 12.13 25.98
CA VAL A 47 14.90 11.76 27.18
C VAL A 47 15.19 12.99 28.04
N ILE A 48 15.30 14.17 27.41
CA ILE A 48 15.40 15.40 28.18
C ILE A 48 14.11 15.65 28.93
N GLN A 49 12.97 15.56 28.25
CA GLN A 49 11.69 15.71 28.96
C GLN A 49 11.55 14.68 30.08
N ARG A 50 12.07 13.48 29.89
CA ARG A 50 12.09 12.46 30.95
C ARG A 50 12.77 13.00 32.19
N GLU A 51 14.08 13.27 32.10
CA GLU A 51 14.80 13.67 33.29
C GLU A 51 14.29 15.01 33.83
N LYS A 52 13.89 15.93 32.93
CA LYS A 52 13.45 17.26 33.35
C LYS A 52 12.12 17.22 34.08
N PHE A 53 11.21 16.31 33.73
CA PHE A 53 9.98 16.21 34.48
C PHE A 53 10.10 15.28 35.68
N LEU A 54 11.13 14.42 35.72
CA LEU A 54 11.42 13.70 36.94
C LEU A 54 12.03 14.63 37.99
N ARG A 55 12.73 15.67 37.55
CA ARG A 55 13.27 16.65 38.49
C ARG A 55 12.29 17.79 38.77
N ALA A 56 11.46 18.15 37.81
CA ALA A 56 10.44 19.17 38.04
C ALA A 56 9.29 18.64 38.87
N HIS A 57 9.14 17.32 38.94
CA HIS A 57 8.16 16.65 39.79
C HIS A 57 8.89 15.61 40.62
N PRO A 58 9.69 16.04 41.60
CA PRO A 58 10.36 15.06 42.47
C PRO A 58 9.39 14.24 43.30
N CYS A 59 8.17 14.73 43.48
CA CYS A 59 7.12 13.99 44.19
C CYS A 59 6.69 12.72 43.47
N VAL A 60 7.05 12.56 42.20
CA VAL A 60 6.72 11.36 41.44
C VAL A 60 7.86 10.35 41.60
N SER A 61 7.51 9.08 41.72
CA SER A 61 8.48 8.02 41.84
C SER A 61 9.11 7.75 40.47
N ASP A 62 10.44 7.62 40.45
CA ASP A 62 11.14 7.32 39.21
C ASP A 62 10.82 5.93 38.70
N GLN A 63 10.60 4.98 39.61
CA GLN A 63 10.21 3.63 39.21
C GLN A 63 8.78 3.57 38.68
N GLU A 64 7.91 4.47 39.14
CA GLU A 64 6.55 4.56 38.61
C GLU A 64 6.48 5.29 37.27
N LEU A 65 7.59 5.88 36.82
CA LEU A 65 7.62 6.54 35.51
C LEU A 65 7.38 5.55 34.37
N ASP A 66 8.28 4.57 34.23
CA ASP A 66 8.16 3.55 33.19
C ASP A 66 6.84 2.79 33.23
N GLU A 67 6.21 2.73 34.41
CA GLU A 67 4.94 2.02 34.56
C GLU A 67 3.87 2.60 33.64
N LEU A 68 3.74 3.93 33.61
CA LEU A 68 2.75 4.53 32.73
C LEU A 68 3.08 4.30 31.25
N ILE A 69 4.37 4.32 30.91
CA ILE A 69 4.75 4.10 29.51
C ILE A 69 4.35 2.70 29.06
N GLN A 70 4.41 1.73 29.98
CA GLN A 70 4.02 0.37 29.61
C GLN A 70 2.57 0.32 29.17
N GLN A 71 1.66 0.78 30.04
CA GLN A 71 0.24 0.71 29.71
C GLN A 71 -0.15 1.68 28.61
N ILE A 72 0.65 2.73 28.35
CA ILE A 72 0.33 3.64 27.25
C ILE A 72 0.65 2.98 25.92
N VAL A 73 1.84 2.38 25.80
CA VAL A 73 2.14 1.67 24.56
C VAL A 73 1.22 0.47 24.41
N ALA A 74 0.78 -0.12 25.53
CA ALA A 74 -0.23 -1.19 25.45
C ALA A 74 -1.56 -0.66 24.94
N ALA A 75 -1.92 0.57 25.31
CA ALA A 75 -3.17 1.14 24.82
C ALA A 75 -3.09 1.51 23.35
N ILE A 76 -1.89 1.83 22.86
CA ILE A 76 -1.76 2.07 21.42
C ILE A 76 -2.02 0.78 20.64
N ASN A 77 -1.70 -0.37 21.23
CA ASN A 77 -2.02 -1.66 20.63
C ASN A 77 -3.53 -1.89 20.54
N SER A 91 -14.72 8.16 19.49
CA SER A 91 -14.75 6.77 19.04
C SER A 91 -14.04 6.58 17.70
N HIS A 92 -13.26 5.51 17.60
CA HIS A 92 -12.56 5.15 16.38
C HIS A 92 -13.39 4.29 15.43
N TRP A 93 -14.67 4.03 15.75
CA TRP A 93 -15.43 3.08 14.95
C TRP A 93 -16.86 3.55 14.64
N ASP A 94 -17.06 4.86 14.52
CA ASP A 94 -18.35 5.33 14.02
C ASP A 94 -18.46 5.02 12.53
N LEU A 95 -19.60 5.39 11.93
CA LEU A 95 -19.81 5.12 10.52
C LEU A 95 -18.75 5.80 9.66
N GLY A 96 -18.39 7.03 10.01
CA GLY A 96 -17.34 7.71 9.26
C GLY A 96 -16.05 6.92 9.26
N CYS A 97 -15.62 6.48 10.44
CA CYS A 97 -14.35 5.77 10.55
C CYS A 97 -14.40 4.42 9.86
N SER A 98 -15.44 3.63 10.11
CA SER A 98 -15.52 2.31 9.48
C SER A 98 -15.69 2.41 7.97
N PHE A 99 -16.40 3.44 7.48
CA PHE A 99 -16.52 3.66 6.04
C PHE A 99 -15.17 4.02 5.43
N PHE A 100 -14.47 4.98 6.06
CA PHE A 100 -13.12 5.33 5.61
C PHE A 100 -12.19 4.12 5.64
N PHE A 101 -12.31 3.27 6.65
CA PHE A 101 -11.51 2.06 6.75
C PHE A 101 -11.85 1.07 5.63
N ALA A 102 -13.14 0.88 5.36
CA ALA A 102 -13.56 0.07 4.22
C ALA A 102 -13.03 0.64 2.91
N GLY A 103 -12.83 1.96 2.87
CA GLY A 103 -12.13 2.54 1.73
C GLY A 103 -10.66 2.17 1.72
N THR A 104 -10.01 2.21 2.89
CA THR A 104 -8.58 1.94 2.96
C THR A 104 -8.24 0.50 2.60
N VAL A 105 -9.19 -0.42 2.76
CA VAL A 105 -8.86 -1.81 2.41
C VAL A 105 -9.00 -2.06 0.91
N ILE A 106 -10.14 -1.72 0.32
CA ILE A 106 -10.36 -2.05 -1.08
C ILE A 106 -9.51 -1.19 -2.01
N THR A 107 -9.09 0.00 -1.58
CA THR A 107 -8.18 0.76 -2.41
C THR A 107 -6.74 0.32 -2.21
N THR A 108 -6.49 -0.50 -1.18
CA THR A 108 -5.18 -1.03 -0.79
C THR A 108 -4.35 0.03 -0.06
N ILE A 109 -4.75 1.29 -0.16
CA ILE A 109 -4.20 2.36 0.68
C ILE A 109 -4.29 1.91 2.13
N GLY A 110 -3.28 1.22 2.63
CA GLY A 110 -3.37 0.73 3.99
C GLY A 110 -2.83 1.69 5.04
N PHE A 111 -3.55 2.79 5.29
CA PHE A 111 -3.11 3.77 6.28
C PHE A 111 -2.84 3.12 7.63
N GLY A 112 -3.71 2.20 8.05
CA GLY A 112 -3.46 1.44 9.26
C GLY A 112 -3.65 2.19 10.54
N ASN A 113 -4.18 3.41 10.49
CA ASN A 113 -4.46 4.17 11.71
C ASN A 113 -5.37 3.40 12.65
N ILE A 114 -6.42 2.79 12.11
CA ILE A 114 -7.30 1.90 12.86
C ILE A 114 -7.32 0.55 12.16
N SER A 115 -7.22 -0.52 12.94
CA SER A 115 -7.09 -1.88 12.43
C SER A 115 -7.96 -2.81 13.25
N PRO A 116 -8.41 -3.92 12.67
CA PRO A 116 -9.22 -4.87 13.44
C PRO A 116 -8.42 -5.51 14.57
N ARG A 117 -9.04 -5.59 15.74
CA ARG A 117 -8.44 -6.23 16.92
C ARG A 117 -9.13 -7.52 17.32
N THR A 118 -10.44 -7.59 17.16
CA THR A 118 -11.15 -8.85 17.40
C THR A 118 -10.78 -9.87 16.33
N GLU A 119 -10.78 -11.14 16.73
CA GLU A 119 -10.48 -12.21 15.78
C GLU A 119 -11.49 -12.23 14.63
N GLY A 120 -12.78 -12.17 14.95
CA GLY A 120 -13.79 -12.13 13.91
C GLY A 120 -13.62 -10.93 12.99
N GLY A 121 -13.24 -9.78 13.56
CA GLY A 121 -12.98 -8.62 12.74
C GLY A 121 -11.86 -8.85 11.75
N LYS A 122 -10.81 -9.55 12.19
CA LYS A 122 -9.69 -9.84 11.30
C LYS A 122 -10.12 -10.78 10.17
N ILE A 123 -10.93 -11.79 10.51
CA ILE A 123 -11.41 -12.74 9.51
C ILE A 123 -12.25 -12.01 8.46
N PHE A 124 -13.18 -11.16 8.94
CA PHE A 124 -14.02 -10.42 8.01
C PHE A 124 -13.19 -9.45 7.18
N CYS A 125 -12.14 -8.85 7.76
CA CYS A 125 -11.29 -7.97 6.97
C CYS A 125 -10.63 -8.75 5.85
N ILE A 126 -10.23 -10.00 6.12
CA ILE A 126 -9.63 -10.82 5.07
C ILE A 126 -10.61 -11.01 3.92
N ILE A 127 -11.82 -11.48 4.24
CA ILE A 127 -12.81 -11.71 3.19
C ILE A 127 -13.13 -10.41 2.44
N TYR A 128 -13.29 -9.31 3.18
CA TYR A 128 -13.61 -8.03 2.58
C TYR A 128 -12.53 -7.62 1.60
N ALA A 129 -11.27 -7.77 1.97
CA ALA A 129 -10.20 -7.38 1.05
C ALA A 129 -10.26 -8.21 -0.21
N LEU A 130 -10.35 -9.54 -0.04
CA LEU A 130 -10.28 -10.44 -1.19
C LEU A 130 -11.40 -10.21 -2.18
N LEU A 131 -12.58 -9.79 -1.71
CA LEU A 131 -13.64 -9.47 -2.66
C LEU A 131 -13.65 -8.01 -3.11
N GLY A 132 -13.27 -7.08 -2.23
CA GLY A 132 -13.41 -5.67 -2.55
C GLY A 132 -12.37 -5.17 -3.54
N ILE A 133 -11.11 -5.59 -3.38
CA ILE A 133 -10.04 -5.06 -4.24
C ILE A 133 -10.31 -5.30 -5.72
N PRO A 134 -10.74 -6.49 -6.16
CA PRO A 134 -11.08 -6.64 -7.60
C PRO A 134 -12.24 -5.76 -8.05
N LEU A 135 -13.32 -5.73 -7.28
CA LEU A 135 -14.47 -4.90 -7.64
C LEU A 135 -14.06 -3.43 -7.75
N PHE A 136 -13.29 -2.95 -6.78
CA PHE A 136 -12.84 -1.58 -6.88
C PHE A 136 -11.91 -1.41 -8.06
N GLY A 137 -11.19 -2.47 -8.46
CA GLY A 137 -10.41 -2.39 -9.68
C GLY A 137 -11.29 -2.14 -10.90
N PHE A 138 -12.43 -2.82 -10.96
CA PHE A 138 -13.37 -2.55 -12.05
C PHE A 138 -13.80 -1.09 -12.05
N LEU A 139 -14.14 -0.56 -10.86
CA LEU A 139 -14.54 0.84 -10.78
C LEU A 139 -13.42 1.77 -11.24
N LEU A 140 -12.21 1.50 -10.78
CA LEU A 140 -11.07 2.34 -11.14
C LEU A 140 -10.82 2.28 -12.63
N ALA A 141 -11.06 1.13 -13.25
CA ALA A 141 -10.91 1.03 -14.71
C ALA A 141 -11.94 1.89 -15.42
N GLY A 142 -13.19 1.88 -14.96
CA GLY A 142 -14.20 2.72 -15.58
C GLY A 142 -13.89 4.20 -15.45
N VAL A 143 -13.39 4.61 -14.29
CA VAL A 143 -13.04 6.02 -14.08
C VAL A 143 -11.87 6.41 -14.97
N GLY A 144 -10.85 5.55 -15.04
CA GLY A 144 -9.73 5.82 -15.93
C GLY A 144 -10.15 5.93 -17.38
N ASP A 145 -11.10 5.09 -17.81
CA ASP A 145 -11.58 5.19 -19.19
C ASP A 145 -12.31 6.50 -19.42
N GLN A 146 -13.15 6.93 -18.48
CA GLN A 146 -13.85 8.20 -18.63
C GLN A 146 -12.86 9.36 -18.76
N LEU A 147 -11.88 9.42 -17.83
CA LEU A 147 -10.85 10.45 -17.93
C LEU A 147 -10.07 10.34 -19.23
N GLY A 148 -9.84 9.12 -19.70
CA GLY A 148 -9.08 8.95 -20.93
C GLY A 148 -9.80 9.52 -22.12
N THR A 149 -11.12 9.34 -22.19
CA THR A 149 -11.83 9.90 -23.33
C THR A 149 -11.98 11.42 -23.20
N ILE A 150 -12.09 11.93 -21.97
CA ILE A 150 -12.22 13.37 -21.79
C ILE A 150 -10.93 14.08 -22.15
N PHE A 151 -9.78 13.52 -21.75
CA PHE A 151 -8.50 14.09 -22.16
C PHE A 151 -8.19 13.82 -23.63
N GLY A 152 -8.69 12.71 -24.16
CA GLY A 152 -8.45 12.39 -25.56
C GLY A 152 -9.14 13.36 -26.49
N LYS A 153 -10.34 13.80 -26.13
CA LYS A 153 -10.97 14.80 -26.98
C LYS A 153 -10.20 16.11 -26.94
N GLY A 154 -9.61 16.45 -25.79
CA GLY A 154 -8.82 17.67 -25.70
C GLY A 154 -7.57 17.61 -26.53
N ILE A 155 -6.87 16.47 -26.51
CA ILE A 155 -5.66 16.38 -27.32
C ILE A 155 -5.99 16.18 -28.80
N ALA A 156 -7.16 15.61 -29.11
CA ALA A 156 -7.58 15.52 -30.51
C ALA A 156 -8.05 16.87 -31.04
N LYS A 157 -8.44 17.78 -30.16
CA LYS A 157 -8.75 19.14 -30.57
C LYS A 157 -7.51 20.03 -30.64
N VAL A 158 -6.50 19.75 -29.79
CA VAL A 158 -5.29 20.56 -29.83
C VAL A 158 -4.29 20.05 -30.86
N GLU A 159 -4.54 18.88 -31.46
CA GLU A 159 -3.69 18.41 -32.54
C GLU A 159 -4.03 19.09 -33.86
N ASP A 160 -5.29 19.48 -34.04
CA ASP A 160 -5.68 20.23 -35.23
C ASP A 160 -5.17 21.67 -35.20
N THR A 161 -4.92 22.22 -34.01
CA THR A 161 -4.33 23.55 -33.88
C THR A 161 -2.81 23.48 -33.71
N PHE A 162 -2.24 22.27 -33.75
CA PHE A 162 -0.80 22.06 -33.69
C PHE A 162 -0.19 21.70 -35.03
N ILE A 163 -0.91 20.91 -35.85
CA ILE A 163 -0.42 20.55 -37.17
C ILE A 163 -0.35 21.73 -38.11
N LYS A 164 -0.90 22.88 -37.72
CA LYS A 164 -0.87 24.07 -38.57
C LYS A 164 0.58 24.55 -38.70
N TRP A 165 1.08 25.26 -37.70
CA TRP A 165 2.45 25.77 -37.75
C TRP A 165 3.38 24.64 -37.33
N ASN A 166 3.84 23.87 -38.32
CA ASN A 166 4.75 22.74 -38.09
C ASN A 166 5.12 22.08 -39.41
N VAL A 167 5.82 20.95 -39.36
CA VAL A 167 6.29 20.28 -40.56
C VAL A 167 6.13 18.77 -40.45
N SER A 168 6.56 18.20 -39.32
CA SER A 168 6.52 16.76 -39.13
C SER A 168 5.80 16.45 -37.80
N GLN A 169 6.11 15.27 -37.24
CA GLN A 169 5.46 14.85 -36.00
C GLN A 169 6.46 14.20 -35.04
N THR A 170 5.97 13.25 -34.23
CA THR A 170 6.69 12.57 -33.16
C THR A 170 6.95 13.51 -31.98
N LYS A 171 7.33 14.76 -32.27
CA LYS A 171 7.46 15.76 -31.22
C LYS A 171 6.11 16.08 -30.58
N ILE A 172 5.04 15.89 -31.34
CA ILE A 172 3.70 16.22 -30.85
C ILE A 172 3.24 15.21 -29.80
N ARG A 173 3.65 13.94 -29.92
CA ARG A 173 3.29 12.99 -28.88
C ARG A 173 3.92 13.37 -27.55
N ILE A 174 5.16 13.87 -27.59
CA ILE A 174 5.82 14.28 -26.37
C ILE A 174 5.17 15.54 -25.80
N ILE A 175 4.76 16.46 -26.68
CA ILE A 175 4.03 17.64 -26.19
C ILE A 175 2.71 17.23 -25.54
N SER A 176 2.04 16.24 -26.11
CA SER A 176 0.81 15.72 -25.52
C SER A 176 1.07 15.17 -24.12
N THR A 177 2.12 14.37 -23.97
CA THR A 177 2.45 13.84 -22.65
C THR A 177 2.79 14.96 -21.67
N ILE A 178 3.45 16.02 -22.15
CA ILE A 178 3.77 17.16 -21.29
C ILE A 178 2.50 17.83 -20.80
N ILE A 179 1.56 18.11 -21.70
CA ILE A 179 0.28 18.67 -21.30
C ILE A 179 -0.41 17.78 -20.27
N PHE A 180 -0.37 16.47 -20.51
CA PHE A 180 -0.99 15.53 -19.58
C PHE A 180 -0.39 15.67 -18.20
N ILE A 181 0.94 15.70 -18.13
CA ILE A 181 1.61 15.74 -16.83
C ILE A 181 1.34 17.08 -16.15
N LEU A 182 1.28 18.16 -16.91
CA LEU A 182 1.11 19.48 -16.33
C LEU A 182 -0.30 19.64 -15.75
N PHE A 183 -1.32 19.46 -16.59
CA PHE A 183 -2.68 19.60 -16.09
C PHE A 183 -2.99 18.56 -15.01
N GLY A 184 -2.51 17.33 -15.16
CA GLY A 184 -2.73 16.35 -14.12
C GLY A 184 -2.09 16.75 -12.80
N CYS A 185 -0.92 17.40 -12.86
CA CYS A 185 -0.28 17.81 -11.63
C CYS A 185 -0.95 19.04 -11.03
N VAL A 186 -1.55 19.90 -11.87
CA VAL A 186 -2.21 21.07 -11.31
C VAL A 186 -3.65 20.77 -10.90
N LEU A 187 -4.14 19.56 -11.18
CA LEU A 187 -5.48 19.22 -10.75
C LEU A 187 -5.53 18.11 -9.70
N PHE A 188 -4.64 17.12 -9.76
CA PHE A 188 -4.68 16.02 -8.83
C PHE A 188 -3.58 16.04 -7.77
N VAL A 189 -2.59 16.91 -7.86
CA VAL A 189 -1.55 16.95 -6.83
C VAL A 189 -1.41 18.36 -6.25
N ALA A 190 -1.44 19.40 -7.10
CA ALA A 190 -1.17 20.75 -6.59
C ALA A 190 -2.37 21.35 -5.88
N LEU A 191 -3.51 21.43 -6.57
CA LEU A 191 -4.71 22.02 -5.96
C LEU A 191 -5.13 21.28 -4.71
N PRO A 192 -5.29 19.95 -4.69
CA PRO A 192 -5.63 19.29 -3.43
C PRO A 192 -4.56 19.49 -2.38
N ALA A 193 -3.29 19.63 -2.77
CA ALA A 193 -2.25 19.90 -1.79
C ALA A 193 -2.47 21.25 -1.10
N VAL A 194 -2.79 22.29 -1.87
CA VAL A 194 -2.98 23.57 -1.19
C VAL A 194 -4.25 23.54 -0.34
N ILE A 195 -5.27 22.79 -0.77
CA ILE A 195 -6.45 22.67 0.06
C ILE A 195 -6.11 21.96 1.38
N PHE A 196 -5.39 20.84 1.30
CA PHE A 196 -4.92 20.16 2.52
C PHE A 196 -4.05 21.07 3.38
N LYS A 197 -3.22 21.90 2.75
CA LYS A 197 -2.46 22.91 3.49
C LYS A 197 -3.38 23.75 4.36
N HIS A 198 -4.54 24.10 3.83
CA HIS A 198 -5.42 24.99 4.60
C HIS A 198 -6.29 24.22 5.59
N ILE A 199 -6.98 23.18 5.13
CA ILE A 199 -7.92 22.47 5.99
C ILE A 199 -7.16 21.66 7.04
N GLU A 200 -6.24 20.80 6.60
CA GLU A 200 -5.52 19.94 7.53
C GLU A 200 -4.44 20.66 8.31
N GLY A 201 -4.09 21.89 7.93
CA GLY A 201 -3.02 22.59 8.59
C GLY A 201 -1.66 21.96 8.40
N TRP A 202 -1.43 21.29 7.27
CA TRP A 202 -0.13 20.72 6.94
C TRP A 202 0.73 21.73 6.18
N SER A 203 2.02 21.45 6.11
CA SER A 203 2.90 22.30 5.32
C SER A 203 2.81 21.90 3.84
N ALA A 204 3.30 22.79 2.98
CA ALA A 204 3.26 22.54 1.54
C ALA A 204 3.88 21.20 1.18
N LEU A 205 5.12 20.97 1.60
CA LEU A 205 5.78 19.72 1.27
C LEU A 205 5.04 18.53 1.88
N ASP A 206 4.51 18.69 3.10
CA ASP A 206 3.74 17.61 3.69
C ASP A 206 2.48 17.32 2.88
N ALA A 207 1.86 18.36 2.32
CA ALA A 207 0.69 18.16 1.46
C ALA A 207 1.05 17.37 0.21
N ILE A 208 2.12 17.77 -0.49
CA ILE A 208 2.58 17.03 -1.67
C ILE A 208 2.93 15.59 -1.30
N TYR A 209 3.65 15.43 -0.19
CA TYR A 209 4.03 14.13 0.33
C TYR A 209 2.80 13.24 0.54
N PHE A 210 1.79 13.76 1.23
CA PHE A 210 0.56 13.02 1.44
C PHE A 210 -0.08 12.63 0.11
N VAL A 211 -0.20 13.59 -0.81
CA VAL A 211 -0.80 13.30 -2.13
C VAL A 211 -0.10 12.12 -2.79
N VAL A 212 1.24 12.16 -2.83
CA VAL A 212 1.98 11.13 -3.53
C VAL A 212 1.86 9.80 -2.80
N ILE A 213 2.03 9.80 -1.47
CA ILE A 213 2.01 8.55 -0.72
C ILE A 213 0.64 7.90 -0.77
N THR A 214 -0.43 8.69 -0.89
CA THR A 214 -1.76 8.13 -0.93
C THR A 214 -2.10 7.63 -2.32
N LEU A 215 -1.86 8.46 -3.34
CA LEU A 215 -2.23 8.12 -4.71
C LEU A 215 -1.35 7.04 -5.31
N THR A 216 -0.18 6.78 -4.76
CA THR A 216 0.62 5.62 -5.15
C THR A 216 0.17 4.35 -4.44
N THR A 217 -0.81 4.45 -3.52
CA THR A 217 -1.32 3.37 -2.68
C THR A 217 -0.30 2.87 -1.68
N ILE A 218 0.78 3.62 -1.44
CA ILE A 218 1.73 3.27 -0.40
C ILE A 218 1.06 3.34 0.97
N GLY A 219 0.64 4.56 1.36
CA GLY A 219 -0.15 4.80 2.55
C GLY A 219 0.52 4.48 3.88
N PHE A 220 1.56 5.24 4.22
CA PHE A 220 2.23 5.04 5.50
C PHE A 220 1.27 5.19 6.67
N GLY A 221 0.47 6.27 6.66
CA GLY A 221 -0.43 6.58 7.74
C GLY A 221 0.03 7.72 8.63
N ASP A 222 1.20 8.29 8.36
CA ASP A 222 1.71 9.43 9.13
C ASP A 222 1.01 10.73 8.79
N TYR A 223 0.25 10.78 7.69
CA TYR A 223 -0.55 11.93 7.31
C TYR A 223 -1.87 11.44 6.72
N VAL A 224 -2.98 11.78 7.36
CA VAL A 224 -4.30 11.33 6.91
C VAL A 224 -5.21 12.54 6.82
N ALA A 225 -5.79 12.78 5.65
CA ALA A 225 -6.75 13.86 5.49
C ALA A 225 -8.05 13.51 6.20
N GLY A 226 -8.59 14.46 6.96
CA GLY A 226 -9.80 14.23 7.72
C GLY A 226 -9.65 13.34 8.93
N GLY A 227 -8.43 12.95 9.28
CA GLY A 227 -8.20 12.05 10.41
C GLY A 227 -7.92 12.77 11.71
N SER A 228 -7.62 14.06 11.64
CA SER A 228 -7.31 14.85 12.82
C SER A 228 -8.58 15.31 13.53
N ASP A 229 -8.39 15.92 14.70
CA ASP A 229 -9.50 16.50 15.46
C ASP A 229 -9.77 17.93 14.98
N ILE A 230 -10.16 18.02 13.72
CA ILE A 230 -10.45 19.29 13.08
C ILE A 230 -11.94 19.31 12.72
N GLU A 231 -12.48 20.54 12.61
CA GLU A 231 -13.92 20.71 12.39
C GLU A 231 -14.35 20.04 11.10
N TYR A 232 -13.75 20.44 9.97
CA TYR A 232 -14.08 19.94 8.63
C TYR A 232 -15.50 20.35 8.23
N LEU A 233 -15.82 20.20 6.95
CA LEU A 233 -17.08 20.65 6.40
C LEU A 233 -17.93 19.46 5.95
N ASP A 234 -19.22 19.73 5.71
CA ASP A 234 -20.11 18.68 5.25
C ASP A 234 -19.65 18.11 3.91
N PHE A 235 -19.17 18.97 3.01
CA PHE A 235 -18.61 18.53 1.74
C PHE A 235 -17.08 18.53 1.74
N TYR A 236 -16.43 18.05 2.79
CA TYR A 236 -14.98 17.98 2.74
C TYR A 236 -14.51 16.56 2.46
N LYS A 237 -14.71 15.65 3.41
CA LYS A 237 -14.37 14.24 3.21
C LYS A 237 -15.01 13.60 1.97
N PRO A 238 -16.27 13.88 1.62
CA PRO A 238 -16.78 13.33 0.34
C PRO A 238 -16.01 13.83 -0.88
N VAL A 239 -15.61 15.10 -0.86
CA VAL A 239 -14.81 15.63 -1.96
C VAL A 239 -13.45 14.94 -2.00
N VAL A 240 -12.85 14.69 -0.83
CA VAL A 240 -11.61 13.96 -0.81
C VAL A 240 -11.80 12.52 -1.30
N TRP A 241 -12.99 11.94 -1.08
CA TRP A 241 -13.30 10.64 -1.67
C TRP A 241 -13.23 10.69 -3.19
N PHE A 242 -13.92 11.66 -3.77
CA PHE A 242 -13.89 11.84 -5.22
C PHE A 242 -12.47 12.07 -5.72
N TRP A 243 -11.69 12.83 -4.96
CA TRP A 243 -10.29 13.03 -5.31
C TRP A 243 -9.53 11.72 -5.25
N ILE A 244 -9.84 10.86 -4.29
CA ILE A 244 -9.19 9.56 -4.22
C ILE A 244 -9.45 8.79 -5.50
N LEU A 245 -10.71 8.79 -5.96
CA LEU A 245 -11.02 8.09 -7.20
C LEU A 245 -10.18 8.60 -8.37
N VAL A 246 -10.36 9.88 -8.70
CA VAL A 246 -9.69 10.40 -9.91
C VAL A 246 -8.17 10.40 -9.75
N GLY A 247 -7.67 10.65 -8.54
CA GLY A 247 -6.24 10.66 -8.33
C GLY A 247 -5.63 9.28 -8.45
N LEU A 248 -6.32 8.25 -7.95
CA LEU A 248 -5.79 6.90 -8.13
C LEU A 248 -5.73 6.55 -9.62
N ALA A 249 -6.76 6.92 -10.38
CA ALA A 249 -6.70 6.70 -11.83
C ALA A 249 -5.49 7.40 -12.46
N TYR A 250 -5.34 8.69 -12.16
CA TYR A 250 -4.25 9.48 -12.75
C TYR A 250 -2.88 8.91 -12.37
N PHE A 251 -2.71 8.52 -11.11
CA PHE A 251 -1.42 7.98 -10.69
C PHE A 251 -1.17 6.61 -11.29
N ALA A 252 -2.21 5.81 -11.52
CA ALA A 252 -2.01 4.55 -12.24
C ALA A 252 -1.45 4.82 -13.63
N ALA A 253 -2.05 5.80 -14.32
CA ALA A 253 -1.57 6.11 -15.67
C ALA A 253 -0.13 6.62 -15.65
N VAL A 254 0.19 7.53 -14.72
CA VAL A 254 1.53 8.11 -14.70
C VAL A 254 2.57 7.07 -14.32
N LEU A 255 2.26 6.19 -13.36
CA LEU A 255 3.20 5.11 -13.02
C LEU A 255 3.43 4.19 -14.21
N SER A 256 2.35 3.85 -14.92
CA SER A 256 2.48 3.01 -16.10
C SER A 256 3.38 3.65 -17.14
N MET A 257 3.22 4.95 -17.37
CA MET A 257 4.04 5.58 -18.40
C MET A 257 5.47 5.85 -17.93
N ILE A 258 5.70 5.98 -16.62
CA ILE A 258 7.07 6.00 -16.13
C ILE A 258 7.74 4.66 -16.40
N GLY A 259 7.01 3.57 -16.19
CA GLY A 259 7.54 2.27 -16.58
C GLY A 259 7.84 2.19 -18.07
N ASP A 260 6.97 2.79 -18.88
CA ASP A 260 7.21 2.79 -20.33
C ASP A 260 8.47 3.59 -20.66
N TRP A 261 8.72 4.68 -19.95
CA TRP A 261 9.99 5.39 -20.14
C TRP A 261 11.17 4.51 -19.74
N LEU A 262 11.01 3.72 -18.67
CA LEU A 262 12.07 2.80 -18.28
C LEU A 262 12.37 1.79 -19.37
N ARG A 263 11.34 1.36 -20.12
CA ARG A 263 11.59 0.43 -21.21
C ARG A 263 12.55 1.02 -22.24
N VAL A 264 12.25 2.21 -22.76
CA VAL A 264 13.13 2.83 -23.75
C VAL A 264 14.48 3.16 -23.15
N ILE A 265 14.54 3.50 -21.86
CA ILE A 265 15.83 3.75 -21.24
C ILE A 265 16.68 2.48 -21.24
N ALA A 266 16.08 1.34 -20.88
CA ALA A 266 16.82 0.09 -20.90
C ALA A 266 17.30 -0.25 -22.31
N LYS A 267 16.46 0.03 -23.32
CA LYS A 267 16.87 -0.28 -24.68
C LYS A 267 17.98 0.65 -25.14
N LYS A 268 17.86 1.95 -24.86
CA LYS A 268 18.89 2.89 -25.24
C LYS A 268 20.18 2.67 -24.45
N THR A 269 20.10 2.09 -23.26
CA THR A 269 21.33 1.80 -22.53
C THR A 269 21.99 0.55 -23.06
N LYS A 270 21.23 -0.47 -23.40
CA LYS A 270 21.87 -1.62 -24.02
C LYS A 270 22.42 -1.28 -25.41
N GLU A 271 21.79 -0.35 -26.13
CA GLU A 271 22.38 0.04 -27.41
C GLU A 271 23.56 0.99 -27.22
N ALA A 272 23.56 1.76 -26.13
CA ALA A 272 24.74 2.56 -25.80
C ALA A 272 25.90 1.66 -25.42
N VAL A 273 25.60 0.57 -24.70
CA VAL A 273 26.61 -0.42 -24.36
C VAL A 273 27.15 -1.09 -25.61
N GLY A 274 26.28 -1.36 -26.58
CA GLY A 274 26.75 -1.91 -27.84
C GLY A 274 27.63 -0.92 -28.59
N GLU A 275 27.15 0.32 -28.70
CA GLU A 275 27.93 1.39 -29.34
C GLU A 275 29.30 1.52 -28.69
N PHE A 276 29.36 1.42 -27.36
CA PHE A 276 30.61 1.64 -26.64
C PHE A 276 31.55 0.47 -26.80
N ARG A 277 31.08 -0.75 -26.55
CA ARG A 277 31.96 -1.90 -26.73
C ARG A 277 32.43 -2.03 -28.17
N ALA A 278 31.59 -1.65 -29.14
CA ALA A 278 31.99 -1.74 -30.54
C ALA A 278 32.97 -0.64 -30.93
N HIS A 279 32.86 0.54 -30.33
CA HIS A 279 33.81 1.61 -30.59
C HIS A 279 35.06 1.48 -29.74
N ALA A 280 35.06 0.62 -28.72
CA ALA A 280 36.22 0.41 -27.88
C ALA A 280 37.03 -0.81 -28.26
N ALA A 281 36.41 -1.80 -28.93
CA ALA A 281 37.18 -2.98 -29.32
C ALA A 281 38.24 -2.64 -30.35
N GLU A 282 37.94 -1.69 -31.25
CA GLU A 282 38.87 -1.31 -32.30
C GLU A 282 40.01 -0.42 -31.84
N TRP A 283 39.97 0.06 -30.60
CA TRP A 283 41.05 0.87 -30.06
C TRP A 283 42.21 0.05 -29.54
N THR A 284 41.92 -1.08 -28.88
CA THR A 284 42.99 -1.99 -28.48
C THR A 284 43.68 -2.60 -29.68
N ALA A 285 42.94 -2.78 -30.78
CA ALA A 285 43.55 -3.28 -32.01
C ALA A 285 44.55 -2.30 -32.59
N ASN A 286 44.28 -1.00 -32.45
CA ASN A 286 45.19 0.03 -32.95
C ASN A 286 46.13 0.51 -31.85
N SER B 1 -11.71 7.60 -31.66
CA SER B 1 -12.37 7.33 -30.40
C SER B 1 -13.62 8.20 -30.23
N ASP B 2 -14.79 7.59 -30.42
CA ASP B 2 -16.07 8.30 -30.29
C ASP B 2 -17.24 7.34 -30.21
N SER B 3 -18.32 7.67 -30.93
CA SER B 3 -19.51 6.83 -31.09
C SER B 3 -20.37 6.74 -29.83
N ALA B 4 -21.48 6.02 -29.93
CA ALA B 4 -22.50 5.95 -28.89
C ALA B 4 -22.10 5.10 -27.70
N ILE B 5 -21.09 4.24 -27.84
CA ILE B 5 -20.72 3.32 -26.76
C ILE B 5 -20.30 4.05 -25.49
N ASN B 6 -19.89 5.32 -25.59
CA ASN B 6 -19.51 6.04 -24.40
C ASN B 6 -20.69 6.25 -23.47
N VAL B 7 -21.92 6.27 -24.00
CA VAL B 7 -23.06 6.24 -23.10
C VAL B 7 -23.19 4.86 -22.47
N MET B 8 -23.05 3.80 -23.28
CA MET B 8 -23.15 2.44 -22.77
C MET B 8 -22.08 2.15 -21.73
N LYS B 9 -20.88 2.73 -21.88
CA LYS B 9 -19.86 2.56 -20.85
C LYS B 9 -20.24 3.31 -19.58
N TRP B 10 -20.78 4.53 -19.72
CA TRP B 10 -21.09 5.32 -18.52
C TRP B 10 -22.13 4.63 -17.66
N LYS B 11 -23.08 3.92 -18.29
CA LYS B 11 -24.06 3.17 -17.52
C LYS B 11 -23.40 2.04 -16.76
N THR B 12 -22.38 1.41 -17.36
CA THR B 12 -21.69 0.33 -16.67
C THR B 12 -21.00 0.85 -15.41
N VAL B 13 -20.07 1.79 -15.58
CA VAL B 13 -19.27 2.25 -14.44
C VAL B 13 -20.17 2.83 -13.36
N SER B 14 -21.18 3.60 -13.77
CA SER B 14 -22.07 4.21 -12.80
C SER B 14 -22.71 3.15 -11.91
N THR B 15 -23.25 2.09 -12.53
CA THR B 15 -23.84 1.03 -11.72
C THR B 15 -22.78 0.41 -10.81
N ILE B 16 -21.61 0.11 -11.38
CA ILE B 16 -20.53 -0.43 -10.56
C ILE B 16 -20.24 0.53 -9.42
N PHE B 17 -20.21 1.84 -9.72
CA PHE B 17 -19.95 2.82 -8.69
C PHE B 17 -20.96 2.70 -7.56
N LEU B 18 -22.25 2.64 -7.88
CA LEU B 18 -23.23 2.54 -6.82
C LEU B 18 -23.02 1.24 -6.06
N VAL B 19 -22.69 0.16 -6.77
CA VAL B 19 -22.42 -1.11 -6.09
C VAL B 19 -21.30 -0.93 -5.09
N VAL B 20 -20.21 -0.28 -5.52
CA VAL B 20 -19.08 -0.13 -4.60
C VAL B 20 -19.49 0.74 -3.43
N VAL B 21 -20.31 1.76 -3.67
CA VAL B 21 -20.81 2.57 -2.57
C VAL B 21 -21.59 1.69 -1.62
N LEU B 22 -22.51 0.89 -2.18
CA LEU B 22 -23.25 -0.06 -1.36
C LEU B 22 -22.28 -1.02 -0.69
N TYR B 23 -21.26 -1.47 -1.43
CA TYR B 23 -20.27 -2.35 -0.85
C TYR B 23 -19.56 -1.69 0.31
N LEU B 24 -19.25 -0.40 0.18
CA LEU B 24 -18.65 0.29 1.31
C LEU B 24 -19.63 0.40 2.46
N ILE B 25 -20.90 0.73 2.16
CA ILE B 25 -21.86 0.97 3.22
C ILE B 25 -22.00 -0.25 4.11
N ILE B 26 -22.27 -1.40 3.48
CA ILE B 26 -22.34 -2.66 4.23
C ILE B 26 -21.05 -2.88 4.99
N GLY B 27 -19.92 -2.74 4.28
CA GLY B 27 -18.63 -2.96 4.93
C GLY B 27 -18.45 -2.06 6.14
N ALA B 28 -18.95 -0.82 6.07
CA ALA B 28 -18.83 0.08 7.21
C ALA B 28 -19.59 -0.46 8.41
N THR B 29 -20.85 -0.88 8.22
CA THR B 29 -21.69 -1.24 9.36
C THR B 29 -21.25 -2.54 10.06
N VAL B 30 -20.69 -3.50 9.31
CA VAL B 30 -20.33 -4.78 9.90
C VAL B 30 -19.07 -4.65 10.75
N PHE B 31 -18.04 -3.96 10.25
CA PHE B 31 -16.83 -3.78 11.04
C PHE B 31 -17.15 -3.15 12.39
N LYS B 32 -18.00 -2.12 12.39
CA LYS B 32 -18.40 -1.49 13.64
C LYS B 32 -19.01 -2.50 14.59
N ALA B 33 -19.80 -3.43 14.06
CA ALA B 33 -20.46 -4.41 14.91
C ALA B 33 -19.47 -5.26 15.68
N LEU B 34 -18.27 -5.49 15.14
CA LEU B 34 -17.29 -6.30 15.85
C LEU B 34 -16.29 -5.50 16.68
N GLU B 35 -15.76 -4.40 16.16
CA GLU B 35 -14.65 -3.72 16.80
C GLU B 35 -15.10 -2.73 17.87
N GLN B 36 -16.28 -2.14 17.70
CA GLN B 36 -16.75 -1.12 18.64
C GLN B 36 -16.85 -1.60 20.08
N PRO B 37 -17.45 -2.79 20.38
CA PRO B 37 -17.55 -3.21 21.79
C PRO B 37 -16.21 -3.30 22.50
N GLN B 38 -15.27 -4.09 21.97
CA GLN B 38 -13.97 -4.19 22.61
C GLN B 38 -13.21 -2.87 22.59
N GLU B 39 -13.65 -1.89 21.79
CA GLU B 39 -13.03 -0.58 21.87
C GLU B 39 -13.45 0.16 23.13
N ILE B 40 -14.70 0.02 23.55
CA ILE B 40 -15.11 0.69 24.78
C ILE B 40 -14.65 -0.11 26.00
N SER B 41 -14.58 -1.44 25.89
CA SER B 41 -14.09 -2.26 26.99
C SER B 41 -12.70 -1.83 27.43
N GLN B 42 -11.85 -1.47 26.47
CA GLN B 42 -10.53 -0.92 26.78
C GLN B 42 -10.56 0.59 26.96
N ARG B 43 -11.58 1.27 26.43
CA ARG B 43 -11.60 2.72 26.55
C ARG B 43 -11.96 3.17 27.96
N THR B 44 -12.78 2.40 28.66
CA THR B 44 -13.16 2.74 30.03
C THR B 44 -12.22 2.13 31.07
N THR B 45 -11.50 1.05 30.72
CA THR B 45 -10.54 0.48 31.63
C THR B 45 -9.27 1.32 31.74
N ILE B 46 -9.03 2.22 30.79
CA ILE B 46 -7.82 3.03 30.80
C ILE B 46 -8.14 4.37 31.47
N VAL B 47 -9.36 4.87 31.26
CA VAL B 47 -9.79 6.09 31.94
C VAL B 47 -9.90 5.83 33.42
N ILE B 48 -10.12 4.57 33.81
CA ILE B 48 -9.99 4.20 35.22
C ILE B 48 -8.54 4.31 35.67
N GLN B 49 -7.63 3.68 34.91
CA GLN B 49 -6.21 3.76 35.23
C GLN B 49 -5.74 5.21 35.26
N ARG B 50 -6.32 6.05 34.42
CA ARG B 50 -6.12 7.49 34.50
C ARG B 50 -6.58 7.98 35.87
N GLU B 51 -7.89 7.91 36.12
CA GLU B 51 -8.45 8.52 37.33
C GLU B 51 -7.87 7.91 38.59
N LYS B 52 -7.56 6.60 38.57
CA LYS B 52 -7.04 5.98 39.79
C LYS B 52 -5.70 6.57 40.17
N PHE B 53 -4.89 6.96 39.20
CA PHE B 53 -3.66 7.69 39.49
C PHE B 53 -3.85 9.21 39.46
N LEU B 54 -4.98 9.69 38.93
CA LEU B 54 -5.28 11.11 39.03
C LEU B 54 -5.56 11.51 40.47
N ARG B 55 -6.12 10.61 41.26
CA ARG B 55 -6.36 10.85 42.68
C ARG B 55 -5.21 10.36 43.56
N ALA B 56 -4.49 9.32 43.12
CA ALA B 56 -3.37 8.81 43.92
C ALA B 56 -2.14 9.71 43.86
N HIS B 57 -2.05 10.59 42.87
CA HIS B 57 -0.96 11.55 42.77
C HIS B 57 -1.51 12.95 42.55
N PRO B 58 -2.10 13.55 43.59
CA PRO B 58 -2.56 14.96 43.46
C PRO B 58 -1.41 15.92 43.25
N CYS B 59 -0.18 15.53 43.59
CA CYS B 59 1.00 16.34 43.35
C CYS B 59 1.28 16.54 41.87
N VAL B 60 0.61 15.79 41.00
CA VAL B 60 0.72 15.96 39.55
C VAL B 60 -0.30 16.99 39.12
N SER B 61 0.05 17.78 38.10
CA SER B 61 -0.84 18.83 37.63
C SER B 61 -2.05 18.29 36.89
N ASP B 62 -2.05 17.01 36.50
CA ASP B 62 -3.16 16.36 35.82
C ASP B 62 -3.53 17.05 34.51
N GLN B 63 -3.50 18.38 34.47
CA GLN B 63 -3.65 19.07 33.20
C GLN B 63 -2.38 18.96 32.37
N GLU B 64 -1.22 18.89 33.05
CA GLU B 64 0.04 18.57 32.40
C GLU B 64 0.22 17.07 32.22
N LEU B 65 -0.64 16.23 32.80
CA LEU B 65 -0.55 14.79 32.57
C LEU B 65 -0.81 14.47 31.11
N ASP B 66 -2.01 14.77 30.61
CA ASP B 66 -2.30 14.58 29.19
C ASP B 66 -1.35 15.39 28.32
N GLU B 67 -0.83 16.50 28.83
CA GLU B 67 0.16 17.26 28.08
C GLU B 67 1.42 16.43 27.86
N LEU B 68 1.88 15.74 28.91
CA LEU B 68 3.01 14.82 28.79
C LEU B 68 2.67 13.67 27.84
N ILE B 69 1.41 13.21 27.91
CA ILE B 69 0.95 12.15 27.03
C ILE B 69 1.06 12.61 25.58
N GLN B 70 0.88 13.92 25.36
CA GLN B 70 0.97 14.47 24.01
C GLN B 70 2.35 14.23 23.43
N GLN B 71 3.38 14.70 24.13
CA GLN B 71 4.71 14.57 23.56
C GLN B 71 5.18 13.14 23.54
N ILE B 72 4.68 12.28 24.44
CA ILE B 72 5.15 10.89 24.38
C ILE B 72 4.50 10.16 23.21
N VAL B 73 3.19 10.31 23.01
CA VAL B 73 2.60 9.64 21.86
C VAL B 73 3.08 10.24 20.55
N ALA B 74 3.37 11.55 20.53
CA ALA B 74 3.92 12.16 19.32
C ALA B 74 5.29 11.59 19.02
N ALA B 75 6.09 11.32 20.05
CA ALA B 75 7.39 10.70 19.82
C ALA B 75 7.26 9.21 19.50
N ILE B 76 6.21 8.55 19.99
CA ILE B 76 5.96 7.16 19.63
C ILE B 76 5.61 7.05 18.16
N ASN B 77 5.02 8.11 17.59
CA ASN B 77 4.82 8.11 16.15
C ASN B 77 6.15 8.05 15.40
N ALA B 78 7.24 8.42 16.06
CA ALA B 78 8.58 8.20 15.54
C ALA B 78 9.23 6.94 16.08
N GLY B 79 8.54 6.21 16.97
CA GLY B 79 9.05 4.96 17.49
C GLY B 79 10.08 5.13 18.59
N ILE B 80 9.65 5.65 19.74
CA ILE B 80 10.55 5.87 20.86
C ILE B 80 10.42 4.71 21.85
N ILE B 81 11.49 4.52 22.63
CA ILE B 81 11.49 3.52 23.69
C ILE B 81 11.96 4.22 24.97
N PRO B 82 11.12 5.05 25.60
CA PRO B 82 11.55 5.82 26.78
C PRO B 82 11.52 4.99 28.06
N LEU B 83 12.57 4.21 28.26
CA LEU B 83 12.70 3.33 29.42
C LEU B 83 14.02 3.61 30.14
N GLY B 84 14.11 3.12 31.37
CA GLY B 84 15.32 3.24 32.16
C GLY B 84 15.97 1.90 32.40
N ALA B 85 15.16 0.84 32.47
CA ALA B 85 15.72 -0.51 32.58
C ALA B 85 16.50 -0.89 31.32
N SER B 86 16.08 -0.40 30.16
CA SER B 86 16.78 -0.62 28.91
C SER B 86 17.18 0.74 28.35
N SER B 87 18.17 1.37 29.00
CA SER B 87 18.51 2.75 28.68
C SER B 87 19.42 2.80 27.45
N ASN B 88 19.34 1.77 26.61
CA ASN B 88 20.14 1.68 25.40
C ASN B 88 19.28 1.10 24.29
N GLN B 89 18.83 1.95 23.38
CA GLN B 89 17.97 1.55 22.27
C GLN B 89 18.79 1.44 20.99
N VAL B 90 18.19 0.78 20.01
CA VAL B 90 18.82 0.57 18.71
C VAL B 90 18.26 1.58 17.72
N SER B 91 19.00 1.83 16.66
CA SER B 91 18.58 2.79 15.64
C SER B 91 17.54 2.17 14.72
N HIS B 92 16.51 2.95 14.40
CA HIS B 92 15.47 2.54 13.47
C HIS B 92 15.81 2.89 12.03
N TRP B 93 17.01 3.42 11.78
CA TRP B 93 17.36 3.88 10.44
C TRP B 93 18.76 3.43 10.03
N ASP B 94 19.21 2.29 10.56
CA ASP B 94 20.45 1.70 10.07
C ASP B 94 20.20 1.08 8.69
N LEU B 95 21.25 0.52 8.11
CA LEU B 95 21.14 -0.09 6.79
C LEU B 95 20.11 -1.22 6.77
N GLY B 96 20.12 -2.07 7.81
CA GLY B 96 19.15 -3.16 7.85
C GLY B 96 17.71 -2.67 7.82
N CYS B 97 17.39 -1.71 8.69
CA CYS B 97 16.02 -1.20 8.75
C CYS B 97 15.65 -0.39 7.51
N SER B 98 16.54 0.52 7.10
CA SER B 98 16.24 1.37 5.96
C SER B 98 16.08 0.56 4.67
N PHE B 99 16.79 -0.57 4.57
CA PHE B 99 16.58 -1.45 3.41
C PHE B 99 15.16 -1.99 3.39
N PHE B 100 14.70 -2.52 4.54
CA PHE B 100 13.32 -2.99 4.65
C PHE B 100 12.31 -1.88 4.34
N PHE B 101 12.58 -0.66 4.82
CA PHE B 101 11.68 0.45 4.54
C PHE B 101 11.62 0.77 3.04
N ALA B 102 12.79 0.82 2.39
CA ALA B 102 12.80 1.00 0.94
C ALA B 102 12.06 -0.15 0.25
N GLY B 103 12.03 -1.33 0.87
CA GLY B 103 11.21 -2.39 0.34
C GLY B 103 9.73 -2.10 0.49
N THR B 104 9.33 -1.56 1.65
CA THR B 104 7.93 -1.27 1.89
C THR B 104 7.41 -0.14 0.99
N VAL B 105 8.29 0.71 0.49
CA VAL B 105 7.80 1.80 -0.38
C VAL B 105 7.58 1.30 -1.80
N ILE B 106 8.57 0.62 -2.40
CA ILE B 106 8.44 0.25 -3.81
C ILE B 106 7.41 -0.86 -4.02
N THR B 107 7.10 -1.65 -2.99
CA THR B 107 6.04 -2.65 -3.11
C THR B 107 4.65 -2.06 -2.84
N THR B 108 4.57 -0.82 -2.34
CA THR B 108 3.33 -0.10 -1.99
C THR B 108 2.67 -0.67 -0.75
N ILE B 109 3.14 -1.82 -0.26
CA ILE B 109 2.68 -2.32 1.04
C ILE B 109 2.68 -1.20 2.07
N GLY B 110 3.80 -0.50 2.20
CA GLY B 110 3.95 0.60 3.13
C GLY B 110 3.46 0.35 4.54
N PHE B 111 4.20 -0.49 5.29
CA PHE B 111 3.84 -0.77 6.68
C PHE B 111 3.71 0.51 7.49
N GLY B 112 4.62 1.45 7.29
CA GLY B 112 4.55 2.74 7.95
C GLY B 112 4.92 2.73 9.42
N ASN B 113 5.43 1.61 9.94
CA ASN B 113 5.86 1.57 11.33
C ASN B 113 6.92 2.65 11.60
N ILE B 114 7.87 2.81 10.68
CA ILE B 114 8.84 3.90 10.72
C ILE B 114 8.72 4.68 9.42
N SER B 115 8.74 6.01 9.53
CA SER B 115 8.48 6.88 8.39
C SER B 115 9.46 8.02 8.37
N PRO B 116 9.73 8.60 7.20
CA PRO B 116 10.66 9.73 7.12
C PRO B 116 10.15 10.93 7.90
N ARG B 117 11.05 11.57 8.63
CA ARG B 117 10.73 12.79 9.38
C ARG B 117 11.44 14.02 8.84
N THR B 118 12.67 13.88 8.37
CA THR B 118 13.39 15.00 7.78
C THR B 118 12.77 15.42 6.45
N GLU B 119 12.92 16.71 6.13
CA GLU B 119 12.36 17.26 4.89
C GLU B 119 12.91 16.54 3.66
N GLY B 120 14.24 16.40 3.61
CA GLY B 120 14.86 15.71 2.50
C GLY B 120 14.38 14.28 2.36
N GLY B 121 14.13 13.62 3.49
CA GLY B 121 13.60 12.27 3.43
C GLY B 121 12.25 12.21 2.72
N LYS B 122 11.38 13.19 2.98
CA LYS B 122 10.10 13.18 2.30
C LYS B 122 10.26 13.45 0.81
N ILE B 123 11.10 14.43 0.44
CA ILE B 123 11.26 14.74 -0.99
C ILE B 123 11.85 13.53 -1.72
N PHE B 124 12.91 12.95 -1.15
CA PHE B 124 13.52 11.79 -1.76
C PHE B 124 12.56 10.63 -1.81
N CYS B 125 11.71 10.47 -0.79
CA CYS B 125 10.74 9.39 -0.80
C CYS B 125 9.77 9.56 -1.97
N ILE B 126 9.39 10.80 -2.27
CA ILE B 126 8.52 11.02 -3.43
C ILE B 126 9.20 10.57 -4.71
N ILE B 127 10.43 11.05 -4.93
CA ILE B 127 11.15 10.66 -6.15
C ILE B 127 11.37 9.15 -6.21
N TYR B 128 11.78 8.58 -5.08
CA TYR B 128 12.05 7.16 -4.99
C TYR B 128 10.83 6.33 -5.33
N ALA B 129 9.67 6.72 -4.82
CA ALA B 129 8.45 5.98 -5.14
C ALA B 129 8.15 6.09 -6.63
N LEU B 130 8.21 7.32 -7.16
CA LEU B 130 7.84 7.54 -8.55
C LEU B 130 8.72 6.75 -9.51
N LEU B 131 9.99 6.53 -9.16
CA LEU B 131 10.80 5.69 -10.03
C LEU B 131 10.76 4.21 -9.67
N GLY B 132 10.69 3.86 -8.39
CA GLY B 132 10.79 2.48 -7.95
C GLY B 132 9.57 1.64 -8.21
N ILE B 133 8.37 2.20 -8.01
CA ILE B 133 7.15 1.39 -8.18
C ILE B 133 7.07 0.77 -9.57
N PRO B 134 7.30 1.50 -10.67
CA PRO B 134 7.27 0.83 -11.98
C PRO B 134 8.36 -0.23 -12.16
N LEU B 135 9.59 0.09 -11.77
CA LEU B 135 10.69 -0.87 -11.89
C LEU B 135 10.37 -2.15 -11.15
N PHE B 136 9.91 -2.02 -9.90
CA PHE B 136 9.52 -3.22 -9.17
C PHE B 136 8.33 -3.89 -9.83
N GLY B 137 7.53 -3.13 -10.59
CA GLY B 137 6.48 -3.76 -11.37
C GLY B 137 7.06 -4.70 -12.41
N PHE B 138 8.13 -4.25 -13.09
CA PHE B 138 8.81 -5.14 -14.04
C PHE B 138 9.34 -6.38 -13.34
N LEU B 139 9.94 -6.21 -12.15
CA LEU B 139 10.44 -7.37 -11.42
C LEU B 139 9.31 -8.34 -11.07
N LEU B 140 8.18 -7.80 -10.59
CA LEU B 140 7.04 -8.64 -10.24
C LEU B 140 6.49 -9.35 -11.46
N ALA B 141 6.53 -8.70 -12.62
CA ALA B 141 6.08 -9.34 -13.86
C ALA B 141 6.99 -10.50 -14.22
N GLY B 142 8.30 -10.31 -14.06
CA GLY B 142 9.23 -11.41 -14.33
C GLY B 142 9.02 -12.59 -13.41
N VAL B 143 8.79 -12.31 -12.11
CA VAL B 143 8.57 -13.41 -11.17
C VAL B 143 7.26 -14.13 -11.48
N GLY B 144 6.20 -13.36 -11.76
CA GLY B 144 4.94 -13.98 -12.15
C GLY B 144 5.09 -14.84 -13.39
N ASP B 145 5.88 -14.39 -14.36
CA ASP B 145 6.12 -15.17 -15.57
C ASP B 145 6.87 -16.46 -15.26
N GLN B 146 7.89 -16.38 -14.41
CA GLN B 146 8.64 -17.57 -14.01
C GLN B 146 7.72 -18.59 -13.33
N LEU B 147 6.92 -18.12 -12.37
CA LEU B 147 5.98 -19.02 -11.71
C LEU B 147 4.96 -19.60 -12.69
N GLY B 148 4.52 -18.78 -13.65
CA GLY B 148 3.56 -19.27 -14.63
C GLY B 148 4.15 -20.35 -15.53
N THR B 149 5.41 -20.18 -15.94
CA THR B 149 6.01 -21.18 -16.81
C THR B 149 6.38 -22.44 -16.05
N ILE B 150 6.73 -22.32 -14.77
CA ILE B 150 6.99 -23.51 -13.97
C ILE B 150 5.69 -24.28 -13.76
N PHE B 151 4.60 -23.56 -13.54
CA PHE B 151 3.30 -24.22 -13.40
C PHE B 151 2.84 -24.82 -14.72
N GLY B 152 3.21 -24.20 -15.85
CA GLY B 152 2.86 -24.77 -17.14
C GLY B 152 3.59 -26.06 -17.40
N LYS B 153 4.87 -26.13 -17.03
CA LYS B 153 5.57 -27.40 -17.16
C LYS B 153 5.02 -28.45 -16.19
N GLY B 154 4.62 -28.00 -14.99
CA GLY B 154 4.06 -28.94 -14.02
C GLY B 154 2.76 -29.54 -14.49
N ILE B 155 1.90 -28.73 -15.10
CA ILE B 155 0.66 -29.29 -15.66
C ILE B 155 0.92 -30.03 -16.95
N ALA B 156 2.02 -29.72 -17.65
CA ALA B 156 2.39 -30.47 -18.83
C ALA B 156 2.91 -31.85 -18.48
N LYS B 157 3.29 -32.09 -17.23
CA LYS B 157 3.66 -33.44 -16.85
C LYS B 157 2.45 -34.30 -16.50
N VAL B 158 1.36 -33.69 -15.99
CA VAL B 158 0.15 -34.42 -15.62
C VAL B 158 -0.82 -34.55 -16.79
N GLU B 159 -0.48 -34.03 -17.98
CA GLU B 159 -1.40 -34.12 -19.12
C GLU B 159 -1.53 -35.54 -19.65
N ASP B 160 -0.54 -36.41 -19.42
CA ASP B 160 -0.69 -37.81 -19.78
C ASP B 160 -1.76 -38.50 -18.93
N THR B 161 -2.10 -37.95 -17.78
CA THR B 161 -3.15 -38.46 -16.91
C THR B 161 -4.51 -37.84 -17.21
N PHE B 162 -4.60 -37.00 -18.24
CA PHE B 162 -5.87 -36.38 -18.62
C PHE B 162 -6.48 -37.03 -19.87
N ILE B 163 -5.67 -37.39 -20.85
CA ILE B 163 -6.15 -38.03 -22.08
C ILE B 163 -6.65 -39.45 -21.86
N LYS B 164 -7.34 -39.70 -20.74
CA LYS B 164 -7.81 -41.06 -20.47
C LYS B 164 -9.25 -41.13 -19.97
N TRP B 165 -9.45 -40.81 -18.69
CA TRP B 165 -10.73 -40.98 -18.02
C TRP B 165 -11.67 -39.85 -18.41
N ASN B 166 -12.54 -40.13 -19.40
CA ASN B 166 -13.53 -39.19 -19.91
C ASN B 166 -12.85 -38.00 -20.56
N VAL B 167 -12.87 -37.96 -21.89
CA VAL B 167 -12.16 -36.95 -22.66
C VAL B 167 -13.05 -35.72 -22.80
N SER B 168 -12.68 -34.65 -22.12
CA SER B 168 -13.43 -33.39 -22.16
C SER B 168 -12.45 -32.29 -22.53
N GLN B 169 -12.78 -31.04 -22.19
CA GLN B 169 -11.92 -29.91 -22.50
C GLN B 169 -11.91 -28.86 -21.38
N THR B 170 -13.00 -28.10 -21.26
CA THR B 170 -13.06 -26.98 -20.31
C THR B 170 -13.09 -27.47 -18.87
N LYS B 171 -13.77 -28.59 -18.63
CA LYS B 171 -13.82 -29.17 -17.29
C LYS B 171 -12.43 -29.48 -16.75
N ILE B 172 -11.46 -29.71 -17.63
CA ILE B 172 -10.09 -29.91 -17.18
C ILE B 172 -9.45 -28.55 -16.84
N ARG B 173 -9.82 -27.50 -17.55
CA ARG B 173 -9.31 -26.17 -17.26
C ARG B 173 -9.72 -25.72 -15.87
N ILE B 174 -10.94 -26.07 -15.44
CA ILE B 174 -11.36 -25.66 -14.11
C ILE B 174 -10.54 -26.41 -13.05
N ILE B 175 -10.19 -27.66 -13.32
CA ILE B 175 -9.30 -28.40 -12.42
C ILE B 175 -7.93 -27.74 -12.36
N SER B 176 -7.47 -27.22 -13.50
CA SER B 176 -6.21 -26.48 -13.49
C SER B 176 -6.27 -25.29 -12.53
N THR B 177 -7.37 -24.53 -12.60
CA THR B 177 -7.51 -23.38 -11.69
C THR B 177 -7.59 -23.83 -10.24
N ILE B 178 -8.24 -24.97 -9.99
CA ILE B 178 -8.31 -25.50 -8.63
C ILE B 178 -6.93 -25.82 -8.09
N ILE B 179 -6.12 -26.53 -8.90
CA ILE B 179 -4.74 -26.82 -8.51
C ILE B 179 -4.00 -25.53 -8.20
N PHE B 180 -4.18 -24.51 -9.04
CA PHE B 180 -3.47 -23.25 -8.82
C PHE B 180 -3.80 -22.68 -7.46
N ILE B 181 -5.09 -22.56 -7.15
CA ILE B 181 -5.42 -21.90 -5.89
C ILE B 181 -4.99 -22.75 -4.71
N LEU B 182 -5.11 -24.08 -4.81
CA LEU B 182 -4.81 -24.95 -3.68
C LEU B 182 -3.32 -24.94 -3.36
N PHE B 183 -2.49 -25.28 -4.34
CA PHE B 183 -1.05 -25.31 -4.10
C PHE B 183 -0.53 -23.92 -3.72
N GLY B 184 -1.03 -22.86 -4.37
CA GLY B 184 -0.60 -21.53 -3.99
C GLY B 184 -0.95 -21.19 -2.56
N CYS B 185 -2.12 -21.65 -2.09
CA CYS B 185 -2.49 -21.36 -0.71
C CYS B 185 -1.68 -22.19 0.27
N VAL B 186 -1.23 -23.37 -0.13
CA VAL B 186 -0.44 -24.15 0.81
C VAL B 186 1.05 -23.79 0.75
N LEU B 187 1.47 -22.95 -0.19
CA LEU B 187 2.88 -22.59 -0.21
C LEU B 187 3.15 -21.13 0.11
N PHE B 188 2.29 -20.21 -0.31
CA PHE B 188 2.51 -18.79 -0.09
C PHE B 188 1.63 -18.21 0.99
N VAL B 189 0.71 -18.98 1.55
CA VAL B 189 -0.20 -18.52 2.59
C VAL B 189 -0.10 -19.39 3.85
N ALA B 190 -0.11 -20.71 3.67
CA ALA B 190 -0.16 -21.62 4.82
C ALA B 190 1.22 -21.80 5.47
N LEU B 191 2.19 -22.24 4.68
CA LEU B 191 3.54 -22.47 5.20
C LEU B 191 4.16 -21.22 5.83
N PRO B 192 4.20 -20.06 5.16
CA PRO B 192 4.72 -18.87 5.83
C PRO B 192 3.91 -18.50 7.06
N ALA B 193 2.61 -18.80 7.07
CA ALA B 193 1.81 -18.51 8.25
C ALA B 193 2.27 -19.35 9.43
N VAL B 194 2.51 -20.65 9.22
CA VAL B 194 2.94 -21.44 10.37
C VAL B 194 4.35 -21.05 10.80
N ILE B 195 5.19 -20.60 9.86
CA ILE B 195 6.51 -20.09 10.26
C ILE B 195 6.35 -18.85 11.13
N PHE B 196 5.55 -17.88 10.66
CA PHE B 196 5.27 -16.68 11.45
C PHE B 196 4.69 -17.05 12.81
N LYS B 197 3.84 -18.08 12.85
CA LYS B 197 3.35 -18.62 14.11
C LYS B 197 4.50 -19.00 15.01
N HIS B 198 5.56 -19.59 14.44
CA HIS B 198 6.63 -20.08 15.30
C HIS B 198 7.65 -19.00 15.65
N ILE B 199 8.23 -18.32 14.65
CA ILE B 199 9.30 -17.36 14.94
C ILE B 199 8.75 -16.09 15.56
N GLU B 200 7.74 -15.48 14.92
CA GLU B 200 7.20 -14.22 15.42
C GLU B 200 6.29 -14.39 16.63
N GLY B 201 5.92 -15.63 16.96
CA GLY B 201 5.04 -15.85 18.08
C GLY B 201 3.65 -15.29 17.92
N TRP B 202 3.15 -15.22 16.68
CA TRP B 202 1.81 -14.75 16.41
C TRP B 202 0.82 -15.91 16.48
N SER B 203 -0.46 -15.58 16.57
CA SER B 203 -1.47 -16.62 16.53
C SER B 203 -1.73 -17.05 15.08
N ALA B 204 -2.41 -18.20 14.94
CA ALA B 204 -2.72 -18.73 13.62
C ALA B 204 -3.44 -17.68 12.77
N LEU B 205 -4.54 -17.14 13.29
CA LEU B 205 -5.29 -16.14 12.55
C LEU B 205 -4.45 -14.89 12.31
N ASP B 206 -3.64 -14.48 13.30
CA ASP B 206 -2.77 -13.34 13.09
C ASP B 206 -1.74 -13.60 12.00
N ALA B 207 -1.23 -14.83 11.93
CA ALA B 207 -0.28 -15.17 10.87
C ALA B 207 -0.94 -15.07 9.50
N ILE B 208 -2.09 -15.73 9.32
CA ILE B 208 -2.83 -15.64 8.06
C ILE B 208 -3.17 -14.19 7.74
N TYR B 209 -3.62 -13.44 8.74
CA TYR B 209 -3.93 -12.02 8.61
C TYR B 209 -2.75 -11.24 8.07
N PHE B 210 -1.58 -11.40 8.69
CA PHE B 210 -0.38 -10.72 8.21
C PHE B 210 -0.09 -11.08 6.77
N VAL B 211 -0.10 -12.38 6.45
CA VAL B 211 0.16 -12.84 5.08
C VAL B 211 -0.76 -12.13 4.10
N VAL B 212 -2.06 -12.13 4.40
CA VAL B 212 -3.04 -11.57 3.46
C VAL B 212 -2.90 -10.06 3.37
N ILE B 213 -2.71 -9.38 4.50
CA ILE B 213 -2.63 -7.92 4.49
C ILE B 213 -1.38 -7.46 3.75
N THR B 214 -0.30 -8.26 3.79
CA THR B 214 0.91 -7.85 3.10
C THR B 214 0.87 -8.21 1.62
N LEU B 215 0.46 -9.44 1.29
CA LEU B 215 0.50 -9.87 -0.10
C LEU B 215 -0.53 -9.17 -0.97
N THR B 216 -1.56 -8.57 -0.36
CA THR B 216 -2.44 -7.68 -1.10
C THR B 216 -1.88 -6.27 -1.23
N THR B 217 -0.73 -6.00 -0.61
CA THR B 217 -0.05 -4.69 -0.55
C THR B 217 -0.83 -3.66 0.23
N ILE B 218 -1.81 -4.08 1.04
CA ILE B 218 -2.48 -3.14 1.94
C ILE B 218 -1.51 -2.65 2.99
N GLY B 219 -1.03 -3.55 3.85
CA GLY B 219 0.02 -3.23 4.80
C GLY B 219 -0.38 -2.22 5.87
N PHE B 220 -1.27 -2.62 6.78
CA PHE B 220 -1.66 -1.74 7.89
C PHE B 220 -0.46 -1.33 8.72
N GLY B 221 0.39 -2.30 9.09
CA GLY B 221 1.51 -2.08 9.97
C GLY B 221 1.33 -2.62 11.37
N ASP B 222 0.17 -3.21 11.70
CA ASP B 222 -0.04 -3.80 13.00
C ASP B 222 0.65 -5.15 13.18
N TYR B 223 1.12 -5.75 12.09
CA TYR B 223 1.90 -6.98 12.12
C TYR B 223 3.00 -6.87 11.09
N VAL B 224 4.25 -6.96 11.53
CA VAL B 224 5.41 -6.89 10.64
C VAL B 224 6.32 -8.07 10.95
N ALA B 225 6.60 -8.89 9.94
CA ALA B 225 7.53 -9.99 10.12
C ALA B 225 8.95 -9.45 10.25
N GLY B 226 9.68 -9.96 11.24
CA GLY B 226 11.03 -9.46 11.48
C GLY B 226 11.10 -8.06 12.03
N GLY B 227 9.95 -7.48 12.42
CA GLY B 227 9.91 -6.11 12.89
C GLY B 227 10.07 -5.94 14.38
N SER B 228 9.98 -7.02 15.15
CA SER B 228 10.16 -6.93 16.58
C SER B 228 11.65 -6.89 16.92
N ASP B 229 11.94 -6.61 18.19
CA ASP B 229 13.32 -6.61 18.66
C ASP B 229 13.73 -8.01 19.12
N ILE B 230 13.69 -8.94 18.18
CA ILE B 230 14.01 -10.34 18.44
C ILE B 230 15.26 -10.71 17.65
N GLU B 231 15.93 -11.77 18.12
CA GLU B 231 17.21 -12.19 17.56
C GLU B 231 17.07 -12.53 16.07
N TYR B 232 16.15 -13.45 15.74
CA TYR B 232 15.95 -13.93 14.37
C TYR B 232 17.14 -14.77 13.92
N LEU B 233 17.05 -15.38 12.74
CA LEU B 233 18.00 -16.39 12.30
C LEU B 233 18.97 -15.90 11.24
N ASP B 234 19.16 -14.58 11.11
CA ASP B 234 20.07 -13.99 10.13
C ASP B 234 19.71 -14.37 8.70
N PHE B 235 19.31 -15.62 8.47
CA PHE B 235 18.76 -16.05 7.19
C PHE B 235 17.24 -16.17 7.29
N TYR B 236 16.62 -15.24 8.00
CA TYR B 236 15.17 -15.16 8.14
C TYR B 236 14.62 -14.06 7.24
N LYS B 237 15.00 -12.82 7.53
CA LYS B 237 14.58 -11.70 6.71
C LYS B 237 14.87 -11.86 5.22
N PRO B 238 16.01 -12.42 4.78
CA PRO B 238 16.17 -12.69 3.33
C PRO B 238 15.16 -13.69 2.78
N VAL B 239 14.86 -14.74 3.55
CA VAL B 239 13.87 -15.72 3.12
C VAL B 239 12.49 -15.06 3.04
N VAL B 240 12.17 -14.21 4.01
CA VAL B 240 10.90 -13.50 3.94
C VAL B 240 10.88 -12.54 2.76
N TRP B 241 12.05 -12.01 2.36
CA TRP B 241 12.12 -11.20 1.14
C TRP B 241 11.71 -12.01 -0.08
N PHE B 242 12.30 -13.20 -0.23
CA PHE B 242 11.91 -14.08 -1.34
C PHE B 242 10.43 -14.41 -1.29
N TRP B 243 9.91 -14.66 -0.08
CA TRP B 243 8.48 -14.92 0.06
C TRP B 243 7.68 -13.71 -0.39
N ILE B 244 8.14 -12.50 -0.07
CA ILE B 244 7.45 -11.29 -0.51
C ILE B 244 7.33 -11.28 -2.03
N LEU B 245 8.43 -11.58 -2.71
CA LEU B 245 8.42 -11.60 -4.18
C LEU B 245 7.39 -12.58 -4.73
N VAL B 246 7.57 -13.86 -4.39
CA VAL B 246 6.70 -14.86 -4.99
C VAL B 246 5.26 -14.69 -4.53
N GLY B 247 5.04 -14.25 -3.28
CA GLY B 247 3.69 -14.06 -2.79
C GLY B 247 2.97 -12.92 -3.47
N LEU B 248 3.67 -11.81 -3.72
CA LEU B 248 3.04 -10.74 -4.47
C LEU B 248 2.65 -11.20 -5.87
N ALA B 249 3.53 -11.95 -6.53
CA ALA B 249 3.15 -12.48 -7.84
C ALA B 249 1.88 -13.33 -7.75
N TYR B 250 1.87 -14.28 -6.81
CA TYR B 250 0.74 -15.18 -6.68
C TYR B 250 -0.54 -14.43 -6.35
N PHE B 251 -0.46 -13.46 -5.45
CA PHE B 251 -1.67 -12.73 -5.07
C PHE B 251 -2.17 -11.88 -6.21
N ALA B 252 -1.27 -11.35 -7.05
CA ALA B 252 -1.75 -10.65 -8.24
C ALA B 252 -2.58 -11.57 -9.11
N ALA B 253 -2.10 -12.80 -9.31
CA ALA B 253 -2.85 -13.75 -10.13
C ALA B 253 -4.20 -14.09 -9.49
N VAL B 254 -4.21 -14.34 -8.18
CA VAL B 254 -5.43 -14.75 -7.49
C VAL B 254 -6.48 -13.63 -7.51
N LEU B 255 -6.04 -12.39 -7.27
CA LEU B 255 -6.97 -11.26 -7.34
C LEU B 255 -7.55 -11.11 -8.73
N SER B 256 -6.71 -11.25 -9.76
CA SER B 256 -7.20 -11.13 -11.13
C SER B 256 -8.29 -12.17 -11.41
N MET B 257 -8.08 -13.41 -10.96
CA MET B 257 -9.10 -14.40 -11.27
C MET B 257 -10.34 -14.26 -10.38
N ILE B 258 -10.20 -13.68 -9.19
CA ILE B 258 -11.39 -13.33 -8.41
C ILE B 258 -12.21 -12.28 -9.14
N GLY B 259 -11.55 -11.29 -9.73
CA GLY B 259 -12.27 -10.33 -10.55
C GLY B 259 -12.99 -10.99 -11.72
N ASP B 260 -12.35 -11.98 -12.35
CA ASP B 260 -13.01 -12.69 -13.44
C ASP B 260 -14.25 -13.44 -12.97
N TRP B 261 -14.17 -14.04 -11.77
CA TRP B 261 -15.34 -14.70 -11.22
C TRP B 261 -16.46 -13.68 -10.96
N LEU B 262 -16.09 -12.50 -10.46
CA LEU B 262 -17.08 -11.45 -10.24
C LEU B 262 -17.73 -11.02 -11.55
N ARG B 263 -16.95 -10.99 -12.64
CA ARG B 263 -17.50 -10.67 -13.94
C ARG B 263 -18.56 -11.69 -14.35
N VAL B 264 -18.24 -12.98 -14.22
CA VAL B 264 -19.22 -14.00 -14.62
C VAL B 264 -20.47 -13.91 -13.75
N ILE B 265 -20.30 -13.60 -12.47
CA ILE B 265 -21.43 -13.44 -11.57
C ILE B 265 -22.29 -12.25 -11.97
N ALA B 266 -21.65 -11.13 -12.33
CA ALA B 266 -22.38 -9.94 -12.77
C ALA B 266 -23.21 -10.22 -14.01
N LYS B 267 -22.67 -11.03 -14.93
CA LYS B 267 -23.45 -11.34 -16.12
C LYS B 267 -24.64 -12.23 -15.75
N LYS B 268 -24.41 -13.19 -14.85
CA LYS B 268 -25.53 -14.03 -14.42
C LYS B 268 -26.58 -13.23 -13.66
N THR B 269 -26.20 -12.13 -13.02
CA THR B 269 -27.19 -11.31 -12.33
C THR B 269 -27.96 -10.44 -13.32
N LYS B 270 -27.27 -9.92 -14.34
CA LYS B 270 -27.99 -9.16 -15.36
C LYS B 270 -28.97 -10.05 -16.11
N GLU B 271 -28.68 -11.35 -16.22
CA GLU B 271 -29.68 -12.22 -16.84
C GLU B 271 -30.77 -12.64 -15.86
N ALA B 272 -30.46 -12.75 -14.57
CA ALA B 272 -31.50 -13.10 -13.61
C ALA B 272 -32.51 -11.97 -13.45
N VAL B 273 -32.05 -10.72 -13.46
CA VAL B 273 -32.99 -9.60 -13.35
C VAL B 273 -33.91 -9.55 -14.57
N GLY B 274 -33.38 -9.87 -15.76
CA GLY B 274 -34.22 -9.92 -16.94
C GLY B 274 -35.26 -11.03 -16.85
N GLU B 275 -34.83 -12.24 -16.48
CA GLU B 275 -35.76 -13.34 -16.30
C GLU B 275 -36.88 -12.96 -15.34
N PHE B 276 -36.52 -12.24 -14.27
CA PHE B 276 -37.50 -11.90 -13.24
C PHE B 276 -38.46 -10.82 -13.75
N ARG B 277 -37.92 -9.71 -14.24
CA ARG B 277 -38.76 -8.63 -14.72
C ARG B 277 -39.67 -9.06 -15.86
N ALA B 278 -39.21 -10.00 -16.70
CA ALA B 278 -40.07 -10.49 -17.77
C ALA B 278 -41.10 -11.48 -17.26
N HIS B 279 -40.77 -12.26 -16.23
CA HIS B 279 -41.74 -13.20 -15.70
C HIS B 279 -42.72 -12.60 -14.70
N ALA B 280 -42.44 -11.38 -14.22
CA ALA B 280 -43.28 -10.60 -13.30
C ALA B 280 -44.37 -11.38 -12.56
N ALA B 281 -44.06 -11.83 -11.34
CA ALA B 281 -45.00 -12.57 -10.49
C ALA B 281 -45.48 -13.86 -11.17
N GLU B 282 -44.57 -14.51 -11.89
CA GLU B 282 -44.86 -15.76 -12.59
C GLU B 282 -46.12 -15.69 -13.45
#